data_2X47
#
_entry.id   2X47
#
_cell.length_a   45.920
_cell.length_b   63.410
_cell.length_c   75.900
_cell.angle_alpha   90.00
_cell.angle_beta   90.00
_cell.angle_gamma   90.00
#
_symmetry.space_group_name_H-M   'P 21 21 21'
#
loop_
_entity.id
_entity.type
_entity.pdbx_description
1 polymer 'MACRO DOMAIN-CONTAINING PROTEIN 1'
2 non-polymer 'SULFATE ION'
3 water water
#
_entity_poly.entity_id   1
_entity_poly.type   'polypeptide(L)'
_entity_poly.pdbx_seq_one_letter_code
;TSTDWKEAKSFLKGLSDKQREEHYFCKDFVRLKKIPTWKEMAKGVAVKVEEPRYKKDKQLNEKISLLRSDITKLEVDAIV
NAANSSLLGGGGVDGCIHRAAGPLLTDECRTLQSCKTGKAKITGGYRLPAKYVIHTVGPIAYGEPSASQAAELRSCYLSS
LDLLLEHRLRSVAFPCISTGVFGYPCEAAAEIVLATLREWLEQHKDKVDRLIICVFLEKDEDIYRSRLPHYFPVA
;
_entity_poly.pdbx_strand_id   A
#
loop_
_chem_comp.id
_chem_comp.type
_chem_comp.name
_chem_comp.formula
SO4 non-polymer 'SULFATE ION' 'O4 S -2'
#
# COMPACT_ATOMS: atom_id res chain seq x y z
N THR A 1 -5.29 -7.15 27.51
CA THR A 1 -4.51 -8.43 27.49
C THR A 1 -3.64 -8.53 26.23
N SER A 2 -2.60 -9.35 26.31
CA SER A 2 -1.67 -9.59 25.20
C SER A 2 -2.33 -10.17 23.94
N THR A 3 -3.57 -10.69 24.09
CA THR A 3 -4.30 -11.37 22.99
C THR A 3 -5.69 -10.77 22.66
N ASP A 4 -6.00 -9.60 23.22
CA ASP A 4 -7.22 -8.89 22.88
C ASP A 4 -7.29 -8.63 21.37
N TRP A 5 -6.13 -8.50 20.72
CA TRP A 5 -6.11 -8.22 19.30
C TRP A 5 -6.83 -9.29 18.51
N LYS A 6 -6.73 -10.56 18.92
CA LYS A 6 -7.39 -11.64 18.22
C LYS A 6 -8.91 -11.51 18.23
N GLU A 7 -9.46 -10.92 19.29
CA GLU A 7 -10.88 -10.78 19.42
C GLU A 7 -11.38 -9.65 18.55
N ALA A 8 -10.56 -8.60 18.43
CA ALA A 8 -11.02 -7.38 17.70
C ALA A 8 -11.15 -7.73 16.25
N LYS A 9 -10.18 -8.52 15.84
CA LYS A 9 -10.15 -9.05 14.54
C LYS A 9 -11.45 -9.71 14.24
N SER A 10 -11.88 -10.61 15.13
CA SER A 10 -13.14 -11.32 14.92
C SER A 10 -14.38 -10.47 15.03
N PHE A 11 -14.34 -9.46 15.92
CA PHE A 11 -15.43 -8.53 16.10
C PHE A 11 -15.63 -7.76 14.77
N LEU A 12 -14.55 -7.29 14.17
CA LEU A 12 -14.62 -6.49 12.91
C LEU A 12 -14.94 -7.33 11.67
N LYS A 13 -14.43 -8.57 11.60
CA LYS A 13 -14.81 -9.49 10.52
C LYS A 13 -16.32 -9.76 10.52
N GLY A 14 -16.91 -9.86 11.69
CA GLY A 14 -18.34 -10.11 11.83
C GLY A 14 -19.21 -8.93 11.44
N LEU A 15 -18.61 -7.77 11.22
CA LEU A 15 -19.38 -6.57 10.93
C LEU A 15 -19.62 -6.40 9.43
N SER A 16 -20.81 -5.90 9.11
CA SER A 16 -21.13 -5.54 7.73
C SER A 16 -20.27 -4.34 7.34
N ASP A 17 -19.97 -4.23 6.05
CA ASP A 17 -19.21 -3.10 5.52
C ASP A 17 -19.70 -1.76 6.12
N LYS A 18 -21.03 -1.60 6.20
CA LYS A 18 -21.65 -0.40 6.80
C LYS A 18 -21.37 -0.25 8.30
N GLN A 19 -21.59 -1.31 9.06
CA GLN A 19 -21.40 -1.28 10.51
C GLN A 19 -19.98 -0.89 10.94
N ARG A 20 -19.01 -1.36 10.17
CA ARG A 20 -17.60 -1.13 10.43
C ARG A 20 -17.26 0.37 10.54
N GLU A 21 -17.99 1.23 9.82
CA GLU A 21 -17.70 2.67 9.78
C GLU A 21 -17.67 3.40 11.11
N GLU A 22 -18.52 2.95 12.05
CA GLU A 22 -18.66 3.57 13.35
C GLU A 22 -17.35 3.54 14.15
N HIS A 23 -16.54 2.52 13.90
CA HIS A 23 -15.33 2.26 14.70
C HIS A 23 -14.08 2.77 14.02
N TYR A 24 -14.22 3.31 12.80
CA TYR A 24 -13.04 3.84 12.13
C TYR A 24 -12.51 5.00 12.94
N PHE A 25 -11.21 5.23 12.90
CA PHE A 25 -10.63 6.34 13.63
C PHE A 25 -11.02 7.71 13.04
N CYS A 26 -11.46 7.73 11.78
CA CYS A 26 -11.78 8.96 11.05
C CYS A 26 -13.19 8.94 10.49
N LYS A 27 -13.82 10.11 10.42
CA LYS A 27 -15.10 10.22 9.72
C LYS A 27 -14.88 10.40 8.22
N ASP A 28 -13.72 10.92 7.85
CA ASP A 28 -13.42 11.24 6.45
C ASP A 28 -12.63 10.14 5.77
N PHE A 29 -13.14 8.92 5.88
CA PHE A 29 -12.57 7.84 5.13
C PHE A 29 -12.87 7.96 3.64
N VAL A 30 -11.97 7.39 2.85
CA VAL A 30 -12.02 7.46 1.41
C VAL A 30 -12.46 6.08 0.86
N ARG A 31 -13.67 6.07 0.29
CA ARG A 31 -14.27 4.86 -0.26
C ARG A 31 -13.58 4.55 -1.58
N LEU A 32 -13.36 3.27 -1.82
CA LEU A 32 -12.64 2.83 -3.02
C LEU A 32 -13.36 3.31 -4.26
N LYS A 33 -14.69 3.29 -4.23
CA LYS A 33 -15.49 3.71 -5.38
C LYS A 33 -15.33 5.22 -5.64
N LYS A 34 -14.83 5.98 -4.67
CA LYS A 34 -14.51 7.41 -4.86
C LYS A 34 -13.07 7.73 -5.27
N ILE A 35 -12.24 6.70 -5.42
CA ILE A 35 -10.84 6.91 -5.85
C ILE A 35 -10.79 6.73 -7.38
N PRO A 36 -10.48 7.80 -8.12
CA PRO A 36 -10.40 7.66 -9.59
C PRO A 36 -9.43 6.56 -9.99
N THR A 37 -9.85 5.75 -10.97
CA THR A 37 -8.94 4.84 -11.65
C THR A 37 -8.00 5.68 -12.50
N TRP A 38 -6.92 5.08 -12.95
CA TRP A 38 -6.03 5.72 -13.90
C TRP A 38 -6.79 6.12 -15.18
N LYS A 39 -7.66 5.26 -15.70
CA LYS A 39 -8.50 5.65 -16.82
C LYS A 39 -9.14 7.01 -16.57
N GLU A 40 -9.80 7.17 -15.42
CA GLU A 40 -10.49 8.42 -15.06
C GLU A 40 -9.51 9.59 -14.85
N MET A 41 -8.43 9.34 -14.14
CA MET A 41 -7.44 10.39 -13.85
C MET A 41 -6.83 10.90 -15.12
N ALA A 42 -6.53 9.99 -16.06
CA ALA A 42 -5.98 10.44 -17.35
C ALA A 42 -6.93 11.35 -18.15
N LYS A 43 -8.23 11.29 -17.84
CA LYS A 43 -9.29 12.12 -18.44
C LYS A 43 -9.56 13.39 -17.62
N GLY A 44 -8.78 13.58 -16.55
CA GLY A 44 -8.95 14.74 -15.67
C GLY A 44 -9.90 14.63 -14.48
N VAL A 45 -10.36 13.43 -14.16
CA VAL A 45 -11.26 13.22 -13.01
C VAL A 45 -10.46 13.26 -11.72
N ALA A 46 -10.81 14.21 -10.82
CA ALA A 46 -10.11 14.41 -9.53
C ALA A 46 -10.98 14.03 -8.35
N ARG A 53 8.12 -1.01 -24.94
CA ARG A 53 6.78 -0.65 -25.36
C ARG A 53 5.70 -1.43 -24.62
N TYR A 54 4.79 -0.68 -24.03
CA TYR A 54 3.64 -1.25 -23.37
C TYR A 54 2.42 -0.89 -24.16
N LYS A 55 1.49 -1.81 -24.24
CA LYS A 55 0.29 -1.63 -25.02
C LYS A 55 -0.82 -1.16 -24.10
N LYS A 56 -1.69 -0.31 -24.64
CA LYS A 56 -2.88 0.06 -23.92
C LYS A 56 -3.68 -1.18 -23.54
N ASP A 57 -4.08 -1.28 -22.29
CA ASP A 57 -4.98 -2.33 -21.80
C ASP A 57 -6.08 -1.68 -20.99
N LYS A 58 -7.26 -1.62 -21.58
CA LYS A 58 -8.47 -1.04 -20.98
C LYS A 58 -8.73 -1.51 -19.55
N GLN A 59 -8.76 -2.80 -19.34
CA GLN A 59 -9.06 -3.32 -18.02
C GLN A 59 -7.94 -3.00 -17.03
N LEU A 60 -6.69 -3.11 -17.43
CA LEU A 60 -5.58 -2.71 -16.53
C LEU A 60 -5.69 -1.25 -16.08
N ASN A 61 -6.10 -0.36 -17.00
CA ASN A 61 -6.30 1.06 -16.66
C ASN A 61 -7.41 1.29 -15.61
N GLU A 62 -8.30 0.32 -15.42
CA GLU A 62 -9.31 0.36 -14.38
C GLU A 62 -8.84 -0.30 -13.06
N LYS A 63 -7.66 -0.94 -13.07
CA LYS A 63 -7.19 -1.67 -11.89
C LYS A 63 -6.06 -1.01 -11.14
N ILE A 64 -5.52 0.03 -11.72
CA ILE A 64 -4.47 0.82 -11.06
C ILE A 64 -5.00 2.24 -10.83
N SER A 65 -4.58 2.82 -9.70
CA SER A 65 -4.85 4.21 -9.38
C SER A 65 -3.62 4.89 -8.77
N LEU A 66 -3.49 6.19 -9.03
CA LEU A 66 -2.59 7.07 -8.31
C LEU A 66 -3.44 8.06 -7.52
N LEU A 67 -3.11 8.29 -6.25
CA LEU A 67 -3.89 9.18 -5.43
C LEU A 67 -2.91 9.90 -4.54
N ARG A 68 -3.09 11.22 -4.39
CA ARG A 68 -2.40 11.96 -3.32
C ARG A 68 -3.39 12.11 -2.18
N SER A 69 -3.17 11.39 -1.07
CA SER A 69 -4.12 11.39 0.03
C SER A 69 -3.41 10.85 1.26
N ASP A 70 -4.17 10.75 2.35
CA ASP A 70 -3.69 10.14 3.57
C ASP A 70 -3.97 8.64 3.51
N ILE A 71 -2.93 7.84 3.38
CA ILE A 71 -3.06 6.38 3.19
C ILE A 71 -3.84 5.73 4.32
N THR A 72 -3.74 6.31 5.53
CA THR A 72 -4.48 5.76 6.67
C THR A 72 -5.99 5.82 6.55
N LYS A 73 -6.49 6.70 5.68
CA LYS A 73 -7.94 6.87 5.52
C LYS A 73 -8.61 6.03 4.44
N LEU A 74 -7.83 5.22 3.71
CA LEU A 74 -8.36 4.53 2.52
C LEU A 74 -9.09 3.29 2.94
N GLU A 75 -10.33 3.19 2.49
CA GLU A 75 -11.18 2.03 2.82
C GLU A 75 -10.96 0.94 1.77
N VAL A 76 -9.89 0.18 1.99
CA VAL A 76 -9.44 -0.87 1.08
C VAL A 76 -9.16 -2.13 1.86
N ASP A 77 -8.89 -3.24 1.17
CA ASP A 77 -8.65 -4.48 1.93
C ASP A 77 -7.34 -4.40 2.70
N ALA A 78 -6.32 -3.72 2.16
CA ALA A 78 -5.07 -3.61 2.86
C ALA A 78 -4.33 -2.32 2.51
N ILE A 79 -3.68 -1.72 3.49
CA ILE A 79 -2.67 -0.72 3.18
C ILE A 79 -1.31 -1.28 3.53
N VAL A 80 -0.33 -0.88 2.76
CA VAL A 80 1.02 -1.27 3.01
C VAL A 80 1.75 -0.22 3.87
N ASN A 81 2.42 -0.72 4.92
CA ASN A 81 3.22 0.11 5.80
C ASN A 81 4.69 -0.08 5.47
N ALA A 82 5.36 1.03 5.13
CA ALA A 82 6.80 1.06 4.95
C ALA A 82 7.40 1.18 6.38
N ALA A 83 7.59 -0.01 6.95
CA ALA A 83 7.90 -0.19 8.35
C ALA A 83 9.39 -0.21 8.58
N ASN A 84 9.76 -0.31 9.85
CA ASN A 84 11.09 -0.74 10.21
C ASN A 84 11.11 -2.20 10.70
N SER A 85 12.31 -2.74 10.82
CA SER A 85 12.50 -4.14 11.16
C SER A 85 11.72 -4.58 12.39
N SER A 86 11.51 -3.66 13.34
CA SER A 86 10.84 -4.02 14.60
C SER A 86 9.35 -4.28 14.42
N LEU A 87 8.77 -3.66 13.40
CA LEU A 87 7.32 -3.57 13.19
C LEU A 87 6.56 -2.91 14.31
N LEU A 88 7.22 -2.17 15.20
CA LEU A 88 6.49 -1.56 16.32
C LEU A 88 6.30 -0.07 16.13
N GLY A 89 6.61 0.42 14.93
CA GLY A 89 6.28 1.79 14.57
C GLY A 89 7.50 2.65 14.77
N GLY A 90 7.25 3.92 14.99
CA GLY A 90 8.31 4.91 14.98
C GLY A 90 7.77 6.06 14.17
N GLY A 91 8.62 6.69 13.39
CA GLY A 91 8.26 7.92 12.73
C GLY A 91 7.59 7.69 11.39
N GLY A 92 7.34 8.81 10.72
CA GLY A 92 6.84 8.80 9.39
C GLY A 92 5.42 8.22 9.36
N VAL A 93 5.02 7.76 8.20
CA VAL A 93 3.65 7.24 7.97
C VAL A 93 3.41 6.00 8.84
N ASP A 94 4.47 5.23 9.05
CA ASP A 94 4.44 4.07 9.95
C ASP A 94 3.79 4.44 11.31
N GLY A 95 4.33 5.45 11.96
CA GLY A 95 3.81 5.88 13.25
C GLY A 95 2.38 6.36 13.19
N CYS A 96 2.04 7.01 12.08
CA CYS A 96 0.66 7.49 11.84
C CYS A 96 -0.27 6.30 11.69
N ILE A 97 0.22 5.23 11.05
CA ILE A 97 -0.59 4.00 10.89
C ILE A 97 -0.83 3.37 12.26
N HIS A 98 0.23 3.21 13.05
CA HIS A 98 0.06 2.68 14.43
C HIS A 98 -0.96 3.49 15.25
N ARG A 99 -0.85 4.82 15.19
CA ARG A 99 -1.73 5.64 16.00
C ARG A 99 -3.17 5.55 15.55
N ALA A 100 -3.36 5.60 14.24
CA ALA A 100 -4.68 5.55 13.61
C ALA A 100 -5.35 4.19 13.82
N ALA A 101 -4.59 3.09 13.65
CA ALA A 101 -5.10 1.72 13.87
C ALA A 101 -5.42 1.47 15.34
N GLY A 102 -4.66 2.12 16.21
CA GLY A 102 -4.81 2.03 17.64
C GLY A 102 -3.92 0.95 18.23
N PRO A 103 -3.94 0.83 19.56
CA PRO A 103 -2.97 -0.01 20.26
C PRO A 103 -3.03 -1.50 19.93
N LEU A 104 -4.15 -2.01 19.44
CA LEU A 104 -4.20 -3.44 19.15
C LEU A 104 -3.33 -3.83 17.97
N LEU A 105 -3.07 -2.89 17.06
CA LEU A 105 -2.20 -3.12 15.89
C LEU A 105 -0.80 -3.36 16.43
N THR A 106 -0.35 -2.51 17.32
CA THR A 106 0.99 -2.66 17.87
C THR A 106 1.11 -3.95 18.68
N ASP A 107 0.03 -4.29 19.41
CA ASP A 107 -0.02 -5.54 20.17
C ASP A 107 0.20 -6.72 19.24
N GLU A 108 -0.52 -6.76 18.13
CA GLU A 108 -0.32 -7.84 17.15
C GLU A 108 1.11 -7.87 16.59
N CYS A 109 1.62 -6.69 16.28
CA CYS A 109 3.00 -6.60 15.77
C CYS A 109 4.03 -7.09 16.79
N ARG A 110 3.78 -6.88 18.09
CA ARG A 110 4.66 -7.37 19.15
C ARG A 110 4.80 -8.87 19.12
N THR A 111 3.78 -9.60 18.62
CA THR A 111 3.86 -11.06 18.52
C THR A 111 4.69 -11.60 17.37
N LEU A 112 4.99 -10.77 16.37
CA LEU A 112 5.69 -11.16 15.15
C LEU A 112 7.19 -11.07 15.38
N GLN A 113 7.92 -11.73 14.50
CA GLN A 113 9.36 -11.59 14.49
C GLN A 113 9.69 -10.21 13.96
N SER A 114 10.98 -9.87 13.98
CA SER A 114 11.42 -8.74 13.18
C SER A 114 11.25 -9.11 11.67
N CYS A 115 11.09 -8.08 10.87
CA CYS A 115 10.89 -8.25 9.43
C CYS A 115 12.18 -7.96 8.63
N LYS A 116 12.56 -8.89 7.74
CA LYS A 116 13.74 -8.74 6.89
C LYS A 116 13.47 -7.74 5.77
N THR A 117 14.56 -7.13 5.30
CA THR A 117 14.50 -6.26 4.11
C THR A 117 13.95 -7.05 2.95
N GLY A 118 12.96 -6.45 2.28
CA GLY A 118 12.37 -7.02 1.08
C GLY A 118 11.29 -8.04 1.40
N LYS A 119 11.01 -8.29 2.68
CA LYS A 119 9.97 -9.24 3.09
C LYS A 119 8.80 -8.48 3.74
N ALA A 120 7.73 -9.20 4.05
CA ALA A 120 6.52 -8.57 4.50
C ALA A 120 5.78 -9.47 5.48
N LYS A 121 4.94 -8.86 6.31
CA LYS A 121 4.08 -9.62 7.22
C LYS A 121 2.74 -8.89 7.33
N ILE A 122 1.68 -9.63 7.57
CA ILE A 122 0.34 -9.05 7.59
C ILE A 122 -0.21 -9.04 9.03
N THR A 123 -0.89 -7.95 9.36
CA THR A 123 -1.70 -7.86 10.55
C THR A 123 -3.09 -7.37 10.24
N GLY A 124 -3.95 -7.38 11.25
CA GLY A 124 -5.17 -6.64 11.17
C GLY A 124 -4.96 -5.13 11.04
N GLY A 125 -6.02 -4.45 10.58
CA GLY A 125 -6.08 -2.99 10.43
C GLY A 125 -6.73 -2.24 11.61
N TYR A 126 -7.49 -2.99 12.42
CA TYR A 126 -8.13 -2.50 13.61
C TYR A 126 -8.94 -1.25 13.29
N ARG A 127 -8.62 -0.08 13.83
CA ARG A 127 -9.48 1.08 13.64
C ARG A 127 -9.28 1.81 12.28
N LEU A 128 -8.39 1.31 11.45
CA LEU A 128 -8.25 1.82 10.10
C LEU A 128 -9.46 1.44 9.31
N PRO A 129 -9.83 2.28 8.36
CA PRO A 129 -10.79 1.82 7.35
C PRO A 129 -10.30 0.55 6.60
N ALA A 130 -9.00 0.42 6.41
CA ALA A 130 -8.41 -0.78 5.85
C ALA A 130 -8.63 -2.01 6.72
N LYS A 131 -8.93 -3.13 6.09
CA LYS A 131 -9.14 -4.39 6.82
C LYS A 131 -7.84 -4.95 7.45
N TYR A 132 -6.73 -4.81 6.71
CA TYR A 132 -5.43 -5.35 7.04
C TYR A 132 -4.32 -4.33 6.78
N VAL A 133 -3.20 -4.53 7.46
CA VAL A 133 -1.97 -3.82 7.13
C VAL A 133 -0.93 -4.83 6.76
N ILE A 134 -0.30 -4.57 5.61
CA ILE A 134 0.84 -5.36 5.17
C ILE A 134 2.08 -4.56 5.38
N HIS A 135 2.91 -5.08 6.29
CA HIS A 135 4.10 -4.34 6.74
C HIS A 135 5.29 -4.88 5.95
N THR A 136 6.09 -3.97 5.43
CA THR A 136 7.29 -4.35 4.71
C THR A 136 8.49 -3.41 4.99
N VAL A 137 9.70 -3.96 4.91
CA VAL A 137 10.91 -3.19 5.19
C VAL A 137 11.69 -2.95 3.91
N GLY A 138 11.81 -1.70 3.55
CA GLY A 138 12.52 -1.34 2.33
C GLY A 138 14.01 -1.24 2.53
N PRO A 139 14.78 -1.38 1.44
CA PRO A 139 16.21 -1.11 1.51
C PRO A 139 16.50 0.38 1.84
N ILE A 140 17.67 0.63 2.40
CA ILE A 140 18.15 1.97 2.71
C ILE A 140 19.28 2.21 1.72
N ALA A 141 19.02 3.04 0.71
CA ALA A 141 19.87 3.15 -0.48
C ALA A 141 20.89 4.30 -0.43
N TYR A 142 20.72 5.23 0.50
CA TYR A 142 21.61 6.39 0.64
C TYR A 142 21.84 7.10 -0.69
N GLY A 143 20.77 7.22 -1.46
CA GLY A 143 20.84 7.89 -2.73
C GLY A 143 21.57 7.16 -3.84
N GLU A 144 22.07 5.94 -3.56
CA GLU A 144 23.00 5.24 -4.45
C GLU A 144 22.70 3.76 -4.46
N PRO A 145 21.50 3.39 -4.94
CA PRO A 145 21.13 2.00 -4.81
C PRO A 145 22.01 1.06 -5.65
N SER A 146 22.33 -0.07 -5.05
CA SER A 146 22.93 -1.18 -5.76
C SER A 146 21.86 -1.99 -6.51
N ALA A 147 22.31 -2.83 -7.43
CA ALA A 147 21.43 -3.79 -8.11
C ALA A 147 20.64 -4.62 -7.11
N SER A 148 21.30 -5.04 -6.02
CA SER A 148 20.66 -5.83 -4.97
C SER A 148 19.54 -5.06 -4.27
N GLN A 149 19.78 -3.79 -4.02
CA GLN A 149 18.75 -2.91 -3.42
C GLN A 149 17.57 -2.64 -4.36
N ALA A 150 17.82 -2.50 -5.64
CA ALA A 150 16.74 -2.43 -6.62
C ALA A 150 15.85 -3.67 -6.53
N ALA A 151 16.48 -4.82 -6.33
CA ALA A 151 15.73 -6.07 -6.20
C ALA A 151 15.00 -6.14 -4.88
N GLU A 152 15.60 -5.61 -3.83
CA GLU A 152 14.96 -5.57 -2.53
C GLU A 152 13.73 -4.69 -2.56
N LEU A 153 13.84 -3.55 -3.24
CA LEU A 153 12.70 -2.62 -3.37
C LEU A 153 11.55 -3.32 -4.09
N ARG A 154 11.86 -3.94 -5.21
CA ARG A 154 10.84 -4.70 -5.95
C ARG A 154 10.23 -5.81 -5.08
N SER A 155 11.09 -6.51 -4.37
CA SER A 155 10.65 -7.56 -3.42
C SER A 155 9.68 -7.06 -2.39
N CYS A 156 9.84 -5.85 -1.87
CA CYS A 156 8.81 -5.32 -0.95
C CYS A 156 7.41 -5.33 -1.56
N TYR A 157 7.30 -4.87 -2.81
CA TYR A 157 6.00 -4.82 -3.46
C TYR A 157 5.50 -6.25 -3.73
N LEU A 158 6.37 -7.10 -4.27
CA LEU A 158 5.98 -8.49 -4.59
C LEU A 158 5.62 -9.34 -3.36
N SER A 159 6.39 -9.24 -2.26
CA SER A 159 6.12 -9.97 -0.99
C SER A 159 4.81 -9.48 -0.40
N SER A 160 4.55 -8.18 -0.51
CA SER A 160 3.27 -7.62 -0.04
C SER A 160 2.10 -8.20 -0.87
N LEU A 161 2.27 -8.26 -2.18
CA LEU A 161 1.24 -8.77 -3.07
C LEU A 161 1.05 -10.27 -2.85
N ASP A 162 2.11 -10.99 -2.49
CA ASP A 162 1.99 -12.40 -2.13
C ASP A 162 1.02 -12.61 -0.95
N LEU A 163 1.16 -11.76 0.06
CA LEU A 163 0.23 -11.81 1.20
C LEU A 163 -1.18 -11.46 0.80
N LEU A 164 -1.33 -10.42 -0.03
CA LEU A 164 -2.63 -10.04 -0.54
C LEU A 164 -3.34 -11.25 -1.16
N LEU A 165 -2.62 -11.98 -2.01
CA LEU A 165 -3.17 -13.15 -2.70
C LEU A 165 -3.47 -14.26 -1.72
N GLU A 166 -2.55 -14.53 -0.80
CA GLU A 166 -2.70 -15.61 0.17
C GLU A 166 -3.99 -15.43 1.01
N HIS A 167 -4.25 -14.19 1.39
CA HIS A 167 -5.41 -13.86 2.21
C HIS A 167 -6.68 -13.45 1.40
N ARG A 168 -6.63 -13.61 0.09
CA ARG A 168 -7.77 -13.43 -0.81
C ARG A 168 -8.29 -12.00 -0.77
N LEU A 169 -7.36 -11.06 -0.65
CA LEU A 169 -7.68 -9.64 -0.65
C LEU A 169 -7.63 -9.06 -2.05
N ARG A 170 -8.40 -8.01 -2.30
CA ARG A 170 -8.58 -7.52 -3.65
C ARG A 170 -8.30 -6.04 -3.88
N SER A 171 -7.98 -5.29 -2.83
CA SER A 171 -7.56 -3.89 -3.02
C SER A 171 -6.44 -3.58 -2.04
N VAL A 172 -5.45 -2.84 -2.52
CA VAL A 172 -4.25 -2.56 -1.73
C VAL A 172 -3.75 -1.18 -2.11
N ALA A 173 -3.25 -0.44 -1.13
CA ALA A 173 -2.58 0.83 -1.37
C ALA A 173 -1.16 0.77 -0.88
N PHE A 174 -0.24 1.24 -1.70
CA PHE A 174 1.20 1.30 -1.40
C PHE A 174 1.62 2.76 -1.20
N PRO A 175 2.45 3.03 -0.18
CA PRO A 175 3.12 4.31 -0.03
C PRO A 175 4.44 4.31 -0.88
N CYS A 176 5.19 5.40 -0.84
CA CYS A 176 6.44 5.47 -1.59
C CYS A 176 7.59 4.83 -0.80
N ILE A 177 7.57 3.50 -0.71
CA ILE A 177 8.53 2.74 0.09
C ILE A 177 9.98 3.13 -0.24
N SER A 178 10.79 3.31 0.81
CA SER A 178 12.23 3.56 0.69
C SER A 178 12.65 4.93 0.17
N THR A 179 11.71 5.80 -0.19
CA THR A 179 12.10 7.14 -0.62
C THR A 179 12.22 8.05 0.61
N GLY A 180 12.96 9.12 0.44
CA GLY A 180 13.23 10.06 1.53
C GLY A 180 14.70 10.36 1.61
N VAL A 181 15.07 11.21 2.56
CA VAL A 181 16.47 11.60 2.64
C VAL A 181 17.15 10.30 3.07
N PHE A 182 18.30 10.08 2.47
CA PHE A 182 19.05 8.83 2.59
C PHE A 182 18.41 7.60 1.99
N GLY A 183 17.47 7.82 1.08
CA GLY A 183 16.69 6.71 0.53
C GLY A 183 16.94 6.46 -0.94
N TYR A 184 15.89 5.97 -1.59
CA TYR A 184 15.95 5.51 -2.96
C TYR A 184 15.53 6.70 -3.79
N PRO A 185 16.34 7.13 -4.77
CA PRO A 185 15.95 8.25 -5.61
C PRO A 185 14.52 8.08 -6.15
N CYS A 186 13.72 9.11 -6.03
CA CYS A 186 12.28 9.02 -6.26
C CYS A 186 11.94 8.61 -7.68
N GLU A 187 12.60 9.18 -8.69
CA GLU A 187 12.25 8.86 -10.07
C GLU A 187 12.61 7.40 -10.37
N ALA A 188 13.77 6.98 -9.89
CA ALA A 188 14.20 5.57 -10.07
C ALA A 188 13.25 4.61 -9.35
N ALA A 189 12.83 4.96 -8.14
CA ALA A 189 11.92 4.09 -7.36
C ALA A 189 10.58 3.97 -8.11
N ALA A 190 10.02 5.10 -8.53
CA ALA A 190 8.77 5.06 -9.35
C ALA A 190 8.88 4.15 -10.61
N GLU A 191 10.03 4.19 -11.29
CA GLU A 191 10.26 3.32 -12.46
C GLU A 191 10.14 1.86 -12.09
N ILE A 192 10.79 1.48 -10.98
CA ILE A 192 10.72 0.12 -10.49
C ILE A 192 9.30 -0.24 -10.12
N VAL A 193 8.62 0.65 -9.41
CA VAL A 193 7.23 0.37 -8.97
C VAL A 193 6.28 0.17 -10.17
N LEU A 194 6.32 1.09 -11.12
CA LEU A 194 5.38 1.02 -12.27
C LEU A 194 5.66 -0.19 -13.13
N ALA A 195 6.92 -0.50 -13.37
CA ALA A 195 7.29 -1.67 -14.15
C ALA A 195 6.84 -2.94 -13.43
N THR A 196 7.05 -2.97 -12.12
CA THR A 196 6.68 -4.15 -11.30
C THR A 196 5.17 -4.36 -11.28
N LEU A 197 4.41 -3.29 -11.05
CA LEU A 197 2.93 -3.40 -10.96
C LEU A 197 2.31 -3.69 -12.32
N ARG A 198 2.89 -3.14 -13.39
CA ARG A 198 2.38 -3.45 -14.73
C ARG A 198 2.52 -4.96 -15.02
N GLU A 199 3.71 -5.50 -14.74
CA GLU A 199 3.95 -6.91 -15.00
C GLU A 199 3.10 -7.78 -14.11
N TRP A 200 2.99 -7.41 -12.86
CA TRP A 200 2.22 -8.18 -11.90
C TRP A 200 0.75 -8.22 -12.31
N LEU A 201 0.20 -7.07 -12.66
CA LEU A 201 -1.20 -7.01 -13.10
C LEU A 201 -1.45 -7.81 -14.35
N GLU A 202 -0.50 -7.82 -15.28
CA GLU A 202 -0.68 -8.62 -16.46
C GLU A 202 -0.91 -10.08 -16.14
N GLN A 203 -0.21 -10.57 -15.12
CA GLN A 203 -0.36 -11.95 -14.68
C GLN A 203 -1.39 -12.23 -13.63
N HIS A 204 -1.83 -11.22 -12.88
CA HIS A 204 -2.74 -11.43 -11.75
C HIS A 204 -3.97 -10.48 -11.85
N LYS A 205 -4.22 -9.96 -13.05
CA LYS A 205 -5.32 -9.04 -13.39
C LYS A 205 -6.58 -9.28 -12.59
N ASP A 206 -7.06 -10.51 -12.61
CA ASP A 206 -8.40 -10.80 -12.11
C ASP A 206 -8.43 -11.11 -10.59
N LYS A 207 -7.26 -11.19 -9.99
CA LYS A 207 -7.09 -11.45 -8.57
C LYS A 207 -7.29 -10.19 -7.71
N VAL A 208 -7.34 -9.02 -8.36
CA VAL A 208 -7.54 -7.76 -7.63
C VAL A 208 -8.53 -6.87 -8.35
N ASP A 209 -9.12 -5.99 -7.57
CA ASP A 209 -9.94 -4.92 -8.13
C ASP A 209 -9.22 -3.60 -8.22
N ARG A 210 -8.28 -3.35 -7.33
CA ARG A 210 -7.50 -2.13 -7.44
C ARG A 210 -6.16 -2.22 -6.73
N LEU A 211 -5.14 -1.73 -7.42
CA LEU A 211 -3.84 -1.42 -6.84
C LEU A 211 -3.68 0.09 -6.84
N ILE A 212 -3.38 0.69 -5.68
CA ILE A 212 -3.33 2.11 -5.53
C ILE A 212 -1.96 2.53 -5.09
N ILE A 213 -1.41 3.50 -5.81
CA ILE A 213 -0.18 4.15 -5.41
C ILE A 213 -0.64 5.40 -4.69
N CYS A 214 -0.49 5.40 -3.36
CA CYS A 214 -0.98 6.51 -2.54
C CYS A 214 0.23 7.29 -2.01
N VAL A 215 0.37 8.50 -2.48
CA VAL A 215 1.52 9.37 -2.15
C VAL A 215 1.03 10.49 -1.26
N PHE A 216 1.94 11.11 -0.51
CA PHE A 216 1.57 12.30 0.23
C PHE A 216 2.25 13.57 -0.29
N LEU A 217 3.43 13.47 -0.91
CA LEU A 217 4.15 14.63 -1.43
C LEU A 217 3.72 14.92 -2.86
N GLU A 218 3.46 16.20 -3.17
CA GLU A 218 3.14 16.60 -4.53
C GLU A 218 4.26 16.17 -5.49
N LYS A 219 5.53 16.19 -5.02
CA LYS A 219 6.68 15.76 -5.85
C LYS A 219 6.48 14.31 -6.36
N ASP A 220 6.11 13.40 -5.45
CA ASP A 220 5.87 12.00 -5.82
C ASP A 220 4.65 11.87 -6.74
N GLU A 221 3.61 12.66 -6.46
CA GLU A 221 2.42 12.66 -7.35
C GLU A 221 2.83 12.96 -8.79
N ASP A 222 3.59 14.04 -8.94
CA ASP A 222 4.02 14.50 -10.24
C ASP A 222 4.88 13.46 -10.94
N ILE A 223 5.80 12.85 -10.22
CA ILE A 223 6.65 11.83 -10.82
C ILE A 223 5.83 10.64 -11.37
N TYR A 224 4.95 10.08 -10.54
CA TYR A 224 4.14 8.97 -11.00
C TYR A 224 3.20 9.38 -12.15
N ARG A 225 2.57 10.54 -12.07
CA ARG A 225 1.63 10.98 -13.08
C ARG A 225 2.34 11.15 -14.43
N SER A 226 3.58 11.63 -14.41
CA SER A 226 4.34 11.79 -15.66
C SER A 226 4.73 10.46 -16.31
N ARG A 227 4.88 9.40 -15.53
CA ARG A 227 5.34 8.11 -16.06
C ARG A 227 4.25 7.05 -16.25
N LEU A 228 3.10 7.21 -15.59
CA LEU A 228 1.98 6.31 -15.79
C LEU A 228 1.65 6.06 -17.26
N PRO A 229 1.64 7.10 -18.11
CA PRO A 229 1.27 6.81 -19.53
C PRO A 229 2.24 5.86 -20.23
N HIS A 230 3.49 5.79 -19.78
CA HIS A 230 4.46 4.90 -20.40
C HIS A 230 4.11 3.44 -20.12
N TYR A 231 3.82 3.15 -18.86
CA TYR A 231 3.53 1.79 -18.40
C TYR A 231 2.08 1.38 -18.59
N PHE A 232 1.18 2.36 -18.62
CA PHE A 232 -0.26 2.14 -18.74
C PHE A 232 -0.82 3.13 -19.79
N PRO A 233 -0.52 2.90 -21.09
CA PRO A 233 -1.04 3.84 -22.09
C PRO A 233 -2.58 3.94 -22.08
N VAL A 234 -3.14 5.12 -22.33
CA VAL A 234 -4.59 5.34 -22.28
C VAL A 234 -5.20 5.62 -23.65
N ALA A 235 -4.34 5.72 -24.66
CA ALA A 235 -4.76 5.94 -26.02
C ALA A 235 -3.61 5.51 -26.92
S SO4 B . 6.10 -14.46 12.33
O1 SO4 B . 5.61 -14.57 13.68
O2 SO4 B . 6.88 -13.25 12.27
O3 SO4 B . 4.94 -14.42 11.47
O4 SO4 B . 6.87 -15.68 12.13
S SO4 C . 11.84 -15.68 7.71
O1 SO4 C . 10.44 -15.26 7.55
O2 SO4 C . 12.61 -14.71 8.48
O3 SO4 C . 12.46 -15.77 6.40
O4 SO4 C . 11.83 -16.96 8.40
#